data_1SCF
#
_entry.id   1SCF
#
_cell.length_a   71.820
_cell.length_b   82.550
_cell.length_c   88.190
_cell.angle_alpha   90.00
_cell.angle_beta   90.00
_cell.angle_gamma   90.00
#
_symmetry.space_group_name_H-M   'P 21 21 21'
#
loop_
_entity.id
_entity.type
_entity.pdbx_description
1 polymer 'STEM CELL FACTOR'
2 non-polymer 'PENTAETHYLENE GLYCOL'
3 non-polymer 'CALCIUM ION'
4 water water
#
_entity_poly.entity_id   1
_entity_poly.type   'polypeptide(L)'
_entity_poly.pdbx_seq_one_letter_code
;MKKTQTWILTCIYLQLLLFNPLVKTEGICRNRVTNNVKDVTKLVANLPKDY(MSE)ITLKYVPG(MSE)DVLPSHCWISE
(MSE)VVQLSDSLTDLLDKFSNISEGLSNYSIIDKLVNIVDDLVECVKENSSKDLKKSFKSPEPRLFTPEEFFRIFNRSI
DAFKDFVVASETSDCVVSSTLSPEKDSRVSVTKPFMLPPVAASSLRNDSSSSNRKAKNPPGDSSLHWAAMALPALFSLII
GFAFGALYWKKRQPSLTRAVENIQINEEDNEISMLQEKEREFQEV
;
_entity_poly.pdbx_strand_id   A,B,C,D
#
# COMPACT_ATOMS: atom_id res chain seq x y z
N ASN A 36 15.02 4.04 25.37
CA ASN A 36 13.90 4.27 26.28
C ASN A 36 12.63 3.44 26.00
N VAL A 37 12.51 2.24 26.62
CA VAL A 37 11.51 1.24 26.27
C VAL A 37 10.09 1.46 26.83
N LYS A 38 9.76 2.59 27.47
CA LYS A 38 8.39 2.84 27.94
C LYS A 38 7.46 3.12 26.78
N ASP A 39 8.07 3.96 25.91
CA ASP A 39 7.41 4.43 24.74
C ASP A 39 7.40 3.35 23.69
N VAL A 40 8.43 2.51 23.62
CA VAL A 40 8.44 1.35 22.74
C VAL A 40 7.31 0.39 23.06
N THR A 41 7.05 0.00 24.30
CA THR A 41 5.91 -0.85 24.61
C THR A 41 4.61 -0.15 24.30
N LYS A 42 4.43 1.16 24.61
CA LYS A 42 3.24 1.91 24.24
C LYS A 42 2.98 1.92 22.75
N LEU A 43 4.04 1.99 21.93
CA LEU A 43 3.92 2.01 20.48
C LEU A 43 3.50 0.66 20.00
N VAL A 44 4.28 -0.37 20.35
CA VAL A 44 3.87 -1.76 20.13
C VAL A 44 2.46 -2.07 20.59
N ALA A 45 1.99 -1.56 21.70
CA ALA A 45 0.60 -1.76 22.04
C ALA A 45 -0.32 -0.93 21.18
N ASN A 46 0.15 0.16 20.60
CA ASN A 46 -0.72 1.00 19.81
C ASN A 46 -0.56 0.74 18.30
N LEU A 47 0.16 -0.30 17.92
CA LEU A 47 0.29 -0.75 16.55
C LEU A 47 -0.46 -2.06 16.31
N PRO A 48 -1.14 -2.34 15.17
CA PRO A 48 -1.87 -3.59 14.96
C PRO A 48 -0.92 -4.76 14.96
N LYS A 49 -1.21 -5.90 15.60
CA LYS A 49 -0.29 -7.07 15.65
C LYS A 49 0.15 -7.70 14.33
N ASP A 50 -0.63 -7.40 13.30
CA ASP A 50 -0.38 -7.93 11.95
C ASP A 50 0.03 -6.92 10.87
N TYR A 51 0.29 -5.71 11.33
CA TYR A 51 0.88 -4.72 10.50
C TYR A 51 2.33 -5.11 10.42
N ILE A 53 6.24 -4.64 9.22
CA ILE A 53 7.23 -3.58 9.06
C ILE A 53 8.47 -4.18 8.38
N THR A 54 8.93 -3.58 7.28
CA THR A 54 10.09 -4.07 6.56
C THR A 54 11.36 -3.52 7.21
N LEU A 55 12.30 -4.43 7.41
CA LEU A 55 13.58 -4.08 7.96
C LEU A 55 14.52 -4.93 7.15
N LYS A 56 15.65 -4.39 6.77
CA LYS A 56 16.71 -5.14 6.13
C LYS A 56 17.58 -5.62 7.25
N TYR A 57 17.78 -6.94 7.33
CA TYR A 57 18.24 -7.61 8.54
C TYR A 57 19.48 -8.36 8.20
N VAL A 58 20.55 -8.19 8.96
CA VAL A 58 21.77 -8.91 8.76
C VAL A 58 21.48 -10.36 9.11
N PRO A 59 21.63 -11.30 8.16
CA PRO A 59 21.46 -12.73 8.43
C PRO A 59 22.39 -13.25 9.54
N GLY A 60 21.77 -13.87 10.55
CA GLY A 60 22.52 -14.50 11.63
C GLY A 60 22.99 -13.57 12.72
N ASP A 62 21.45 -12.74 15.26
CA ASP A 62 21.03 -13.44 16.49
C ASP A 62 22.07 -14.28 17.24
N VAL A 63 23.13 -14.71 16.57
CA VAL A 63 24.14 -15.57 17.16
C VAL A 63 25.59 -15.02 16.97
N LEU A 64 25.77 -13.97 16.14
CA LEU A 64 27.04 -13.31 15.87
C LEU A 64 27.42 -12.19 16.84
N PRO A 65 28.69 -11.87 17.14
CA PRO A 65 29.01 -10.70 17.96
C PRO A 65 28.46 -9.36 17.41
N SER A 66 28.18 -8.41 18.32
CA SER A 66 27.46 -7.22 17.93
C SER A 66 28.25 -6.40 16.96
N HIS A 67 29.57 -6.42 17.09
CA HIS A 67 30.46 -5.70 16.21
C HIS A 67 30.29 -6.07 14.73
N CYS A 68 29.64 -7.20 14.46
CA CYS A 68 29.47 -7.68 13.11
C CYS A 68 28.31 -7.04 12.35
N TRP A 69 27.34 -6.45 13.04
CA TRP A 69 26.06 -6.10 12.43
C TRP A 69 25.57 -4.77 12.92
N ILE A 70 26.09 -4.24 14.02
CA ILE A 70 25.54 -3.09 14.72
C ILE A 70 25.65 -1.83 13.89
N SER A 71 26.64 -1.69 13.01
CA SER A 71 26.74 -0.50 12.16
C SER A 71 25.67 -0.49 11.09
N GLU A 72 25.44 -1.63 10.46
CA GLU A 72 24.39 -1.78 9.50
C GLU A 72 23.01 -1.69 10.09
N VAL A 74 21.86 0.00 12.97
CA VAL A 74 21.31 1.31 13.33
C VAL A 74 20.84 2.15 12.13
N VAL A 75 21.54 1.95 11.00
CA VAL A 75 21.21 2.58 9.73
C VAL A 75 19.96 1.96 9.20
N GLN A 76 19.87 0.62 9.15
CA GLN A 76 18.65 -0.03 8.76
C GLN A 76 17.46 0.27 9.64
N LEU A 77 17.65 0.38 10.95
CA LEU A 77 16.57 0.68 11.86
C LEU A 77 16.13 2.12 11.74
N SER A 78 17.07 3.03 11.55
CA SER A 78 16.74 4.41 11.27
C SER A 78 15.94 4.55 9.96
N ASP A 79 16.29 3.83 8.88
CA ASP A 79 15.59 3.91 7.61
C ASP A 79 14.22 3.37 7.72
N SER A 80 14.06 2.24 8.36
CA SER A 80 12.73 1.74 8.55
C SER A 80 11.81 2.62 9.41
N LEU A 81 12.34 3.18 10.49
CA LEU A 81 11.55 4.06 11.34
C LEU A 81 11.25 5.41 10.69
N THR A 82 12.18 6.01 9.95
CA THR A 82 11.87 7.25 9.27
C THR A 82 10.77 7.03 8.25
N ASP A 83 10.79 5.88 7.56
CA ASP A 83 9.76 5.52 6.61
C ASP A 83 8.40 5.35 7.24
N LEU A 84 8.39 4.85 8.47
CA LEU A 84 7.15 4.65 9.19
C LEU A 84 6.39 5.93 9.47
N LEU A 85 7.13 7.06 9.62
CA LEU A 85 6.54 8.35 9.92
C LEU A 85 5.51 8.74 8.89
N ASP A 86 5.78 8.34 7.63
CA ASP A 86 4.90 8.50 6.49
C ASP A 86 3.51 7.88 6.63
N LYS A 87 3.30 6.97 7.58
CA LYS A 87 2.04 6.25 7.70
C LYS A 87 1.17 6.83 8.80
N PHE A 88 1.67 7.80 9.58
CA PHE A 88 0.91 8.34 10.68
C PHE A 88 0.76 9.84 10.56
N SER A 89 -0.22 10.36 11.28
CA SER A 89 -0.50 11.77 11.28
C SER A 89 0.10 12.43 12.52
N ASN A 90 0.50 13.64 12.22
CA ASN A 90 1.20 14.57 13.08
C ASN A 90 0.21 15.31 13.94
N ILE A 91 -1.02 15.42 13.42
CA ILE A 91 -2.13 16.09 14.10
C ILE A 91 -2.79 15.04 14.96
N SER A 92 -2.52 15.14 16.25
CA SER A 92 -3.05 14.17 17.19
C SER A 92 -2.84 14.76 18.58
N GLU A 93 -3.90 14.84 19.39
CA GLU A 93 -3.74 15.20 20.80
C GLU A 93 -3.19 13.98 21.53
N GLY A 94 -2.60 14.20 22.71
CA GLY A 94 -2.13 13.12 23.55
C GLY A 94 -1.15 12.23 22.84
N LEU A 95 -1.47 10.95 23.00
CA LEU A 95 -0.70 9.83 22.46
C LEU A 95 -0.65 9.91 20.94
N SER A 96 0.56 9.94 20.41
CA SER A 96 0.79 10.01 18.99
C SER A 96 1.83 8.98 18.62
N ASN A 97 1.55 8.06 17.74
CA ASN A 97 2.57 7.20 17.17
C ASN A 97 3.59 7.92 16.38
N TYR A 98 3.17 8.93 15.60
CA TYR A 98 4.12 9.86 14.98
C TYR A 98 5.10 10.41 16.00
N SER A 99 4.73 11.05 17.13
CA SER A 99 5.72 11.53 18.06
C SER A 99 6.59 10.48 18.70
N ILE A 100 6.05 9.28 18.99
CA ILE A 100 6.86 8.20 19.54
C ILE A 100 7.92 7.79 18.55
N ILE A 101 7.56 7.40 17.35
CA ILE A 101 8.49 7.00 16.30
C ILE A 101 9.55 8.06 16.04
N ASP A 102 9.15 9.32 16.07
CA ASP A 102 10.03 10.45 15.84
C ASP A 102 11.09 10.61 16.92
N LYS A 103 10.72 10.36 18.18
CA LYS A 103 11.72 10.34 19.21
C LYS A 103 12.62 9.11 19.07
N LEU A 104 12.09 8.00 18.51
CA LEU A 104 12.91 6.79 18.30
C LEU A 104 13.80 7.02 17.13
N VAL A 105 13.36 7.81 16.15
CA VAL A 105 14.22 8.15 15.03
C VAL A 105 15.37 8.96 15.56
N ASN A 106 15.14 9.88 16.49
CA ASN A 106 16.22 10.61 17.11
C ASN A 106 17.25 9.87 17.98
N ILE A 107 16.83 8.87 18.76
CA ILE A 107 17.74 7.98 19.48
C ILE A 107 18.61 7.19 18.57
N VAL A 108 18.06 6.58 17.51
CA VAL A 108 18.87 5.71 16.65
C VAL A 108 19.80 6.57 15.81
N ASP A 109 19.38 7.77 15.36
CA ASP A 109 20.24 8.67 14.60
C ASP A 109 21.46 9.21 15.33
N ASP A 110 21.37 9.40 16.66
CA ASP A 110 22.52 9.63 17.56
C ASP A 110 23.60 8.55 17.40
N LEU A 111 23.11 7.30 17.33
CA LEU A 111 23.93 6.12 17.20
C LEU A 111 24.47 5.93 15.80
N VAL A 112 23.76 6.35 14.74
CA VAL A 112 24.31 6.31 13.38
C VAL A 112 25.56 7.21 13.19
N GLU A 113 25.57 8.32 13.96
CA GLU A 113 26.66 9.28 14.03
C GLU A 113 27.78 8.93 15.01
N CYS A 114 27.50 8.40 16.22
CA CYS A 114 28.50 7.83 17.12
C CYS A 114 29.28 6.81 16.28
N VAL A 115 28.59 5.81 15.67
CA VAL A 115 29.13 4.85 14.68
C VAL A 115 29.89 5.49 13.50
N LYS A 116 29.69 6.78 13.17
CA LYS A 116 30.65 7.46 12.31
C LYS A 116 31.82 8.10 13.09
N SER A 129 22.47 -6.40 -0.20
CA SER A 129 22.09 -6.95 1.10
C SER A 129 22.33 -6.01 2.32
N PRO A 130 21.77 -6.22 3.54
CA PRO A 130 20.89 -7.29 3.91
C PRO A 130 19.59 -7.37 3.13
N GLU A 131 19.11 -8.61 3.06
CA GLU A 131 17.84 -8.93 2.45
C GLU A 131 16.76 -8.41 3.38
N PRO A 132 15.82 -7.62 2.84
CA PRO A 132 14.64 -7.12 3.52
C PRO A 132 13.68 -8.20 3.94
N ARG A 133 13.25 -8.05 5.20
CA ARG A 133 12.38 -9.00 5.83
C ARG A 133 11.24 -8.25 6.50
N LEU A 134 10.04 -8.86 6.47
CA LEU A 134 8.87 -8.36 7.16
C LEU A 134 8.75 -8.83 8.60
N PHE A 135 8.45 -7.93 9.55
CA PHE A 135 8.44 -8.25 10.98
C PHE A 135 7.13 -7.73 11.50
N THR A 136 6.63 -8.34 12.58
CA THR A 136 5.48 -7.79 13.29
C THR A 136 5.97 -6.62 14.09
N PRO A 137 5.16 -5.68 14.55
CA PRO A 137 5.62 -4.60 15.45
C PRO A 137 6.47 -5.09 16.63
N GLU A 138 6.00 -6.07 17.36
CA GLU A 138 6.74 -6.66 18.44
C GLU A 138 8.09 -7.23 18.05
N GLU A 139 8.20 -7.99 16.97
CA GLU A 139 9.49 -8.49 16.56
C GLU A 139 10.46 -7.42 16.10
N PHE A 140 9.94 -6.39 15.42
CA PHE A 140 10.75 -5.28 14.93
C PHE A 140 11.29 -4.57 16.16
N PHE A 141 10.44 -4.38 17.16
CA PHE A 141 10.90 -3.64 18.30
C PHE A 141 11.80 -4.44 19.24
N ARG A 142 11.82 -5.75 19.10
CA ARG A 142 12.78 -6.58 19.80
C ARG A 142 14.10 -6.37 19.13
N ILE A 143 14.24 -6.36 17.81
CA ILE A 143 15.52 -6.08 17.17
C ILE A 143 15.98 -4.69 17.46
N PHE A 144 15.06 -3.70 17.50
CA PHE A 144 15.42 -2.35 17.94
C PHE A 144 15.95 -2.31 19.37
N ASN A 145 15.28 -2.83 20.39
CA ASN A 145 15.81 -2.76 21.75
C ASN A 145 17.10 -3.50 21.90
N ARG A 146 17.31 -4.57 21.10
CA ARG A 146 18.55 -5.36 21.09
C ARG A 146 19.74 -4.64 20.44
N SER A 147 19.49 -3.94 19.31
CA SER A 147 20.48 -3.08 18.72
C SER A 147 20.83 -1.94 19.65
N ILE A 148 19.89 -1.42 20.42
CA ILE A 148 20.15 -0.32 21.33
C ILE A 148 21.02 -0.81 22.46
N ASP A 149 20.70 -1.98 23.01
CA ASP A 149 21.43 -2.49 24.14
C ASP A 149 22.84 -2.90 23.81
N ALA A 150 23.06 -3.31 22.56
CA ALA A 150 24.35 -3.76 22.08
C ALA A 150 25.43 -2.71 22.11
N PHE A 151 25.14 -1.46 22.48
CA PHE A 151 26.17 -0.44 22.69
C PHE A 151 26.63 -0.36 24.12
N LYS A 152 25.72 -0.59 25.07
CA LYS A 152 26.06 -0.67 26.49
C LYS A 152 27.03 -1.85 26.73
N ASP A 153 26.53 -3.04 26.40
CA ASP A 153 27.28 -4.28 26.39
C ASP A 153 28.22 -4.47 25.20
N PHE A 154 29.18 -3.56 25.08
CA PHE A 154 30.14 -3.60 23.99
C PHE A 154 31.45 -4.24 24.44
N VAL A 155 31.93 -5.21 23.64
CA VAL A 155 33.22 -5.87 23.87
C VAL A 155 34.04 -5.91 22.56
N VAL A 156 35.38 -5.89 22.73
CA VAL A 156 36.35 -5.91 21.65
C VAL A 156 36.15 -7.00 20.60
N ALA A 157 36.23 -6.57 19.32
CA ALA A 157 36.09 -7.39 18.11
C ALA A 157 37.15 -8.47 17.89
N SER A 158 38.35 -8.16 18.38
CA SER A 158 39.44 -9.11 18.37
C SER A 158 39.25 -10.18 19.47
N GLU A 159 38.54 -9.76 20.52
CA GLU A 159 38.17 -10.59 21.68
C GLU A 159 36.85 -11.35 21.55
N THR A 160 36.09 -11.18 20.46
CA THR A 160 34.88 -11.96 20.29
C THR A 160 35.13 -13.08 19.27
N SER A 161 34.41 -13.03 18.15
CA SER A 161 34.41 -14.08 17.15
C SER A 161 34.49 -13.43 15.75
N ASP A 162 34.74 -14.22 14.66
CA ASP A 162 34.69 -13.73 13.27
C ASP A 162 33.25 -13.32 12.86
N CYS A 163 32.87 -13.14 11.59
CA CYS A 163 31.53 -12.66 11.29
C CYS A 163 30.73 -13.52 10.36
N VAL A 164 31.08 -14.82 10.38
CA VAL A 164 30.39 -15.82 9.59
C VAL A 164 29.66 -16.74 10.53
N VAL A 165 28.47 -17.19 10.17
CA VAL A 165 27.82 -18.22 10.94
C VAL A 165 28.00 -19.54 10.20
N SER A 166 27.28 -19.64 9.08
CA SER A 166 27.07 -20.87 8.29
C SER A 166 25.80 -21.68 8.62
N ASN B 36 -19.10 9.61 19.16
CA ASN B 36 -18.08 10.56 19.61
C ASN B 36 -16.96 10.84 18.58
N VAL B 37 -17.07 11.99 17.88
CA VAL B 37 -16.30 12.32 16.65
C VAL B 37 -14.81 12.71 16.78
N LYS B 38 -14.38 13.27 17.93
CA LYS B 38 -12.98 13.64 18.11
C LYS B 38 -12.15 12.37 18.28
N ASP B 39 -12.78 11.29 18.79
CA ASP B 39 -12.10 10.01 18.97
C ASP B 39 -11.89 9.18 17.70
N VAL B 40 -12.78 9.13 16.72
CA VAL B 40 -12.46 8.51 15.45
C VAL B 40 -11.32 9.17 14.71
N THR B 41 -11.25 10.52 14.71
CA THR B 41 -10.16 11.33 14.15
C THR B 41 -8.79 10.98 14.76
N LYS B 42 -8.67 10.87 16.08
CA LYS B 42 -7.46 10.42 16.75
C LYS B 42 -7.14 8.94 16.49
N LEU B 43 -8.14 8.06 16.38
CA LEU B 43 -7.94 6.69 15.97
C LEU B 43 -7.44 6.65 14.56
N VAL B 44 -8.03 7.35 13.57
CA VAL B 44 -7.52 7.37 12.22
C VAL B 44 -6.10 7.92 12.16
N ALA B 45 -5.80 8.97 12.93
CA ALA B 45 -4.47 9.57 12.96
C ALA B 45 -3.44 8.66 13.55
N ASN B 46 -3.86 7.72 14.37
CA ASN B 46 -2.91 6.77 14.89
C ASN B 46 -3.01 5.40 14.27
N LEU B 47 -3.72 5.17 13.16
CA LEU B 47 -3.68 3.92 12.45
C LEU B 47 -2.75 4.07 11.27
N PRO B 48 -1.91 3.09 10.86
CA PRO B 48 -1.07 3.22 9.67
C PRO B 48 -1.88 3.50 8.39
N LYS B 49 -1.53 4.48 7.54
CA LYS B 49 -2.30 4.80 6.32
C LYS B 49 -2.46 3.66 5.30
N ASP B 50 -1.53 2.72 5.35
CA ASP B 50 -1.54 1.58 4.45
C ASP B 50 -2.00 0.28 5.12
N TYR B 51 -2.66 0.36 6.28
CA TYR B 51 -3.13 -0.84 6.96
C TYR B 51 -4.61 -1.02 6.58
N ILE B 53 -8.40 -2.36 6.56
CA ILE B 53 -9.48 -2.94 7.32
C ILE B 53 -10.52 -3.54 6.39
N THR B 54 -10.77 -4.85 6.55
CA THR B 54 -11.76 -5.61 5.78
C THR B 54 -13.14 -5.32 6.29
N LEU B 55 -14.09 -5.18 5.38
CA LEU B 55 -15.45 -4.87 5.76
C LEU B 55 -16.30 -5.39 4.64
N LYS B 56 -17.29 -6.17 5.04
CA LYS B 56 -18.31 -6.63 4.14
C LYS B 56 -19.26 -5.48 3.94
N TYR B 57 -18.81 -4.60 3.06
CA TYR B 57 -19.57 -3.42 2.75
C TYR B 57 -20.92 -3.84 2.12
N VAL B 58 -22.00 -3.23 2.63
CA VAL B 58 -23.33 -3.43 2.08
C VAL B 58 -23.60 -2.49 0.91
N PRO B 59 -23.76 -3.07 -0.30
CA PRO B 59 -24.08 -2.36 -1.52
C PRO B 59 -25.35 -1.55 -1.37
N GLY B 60 -25.25 -0.27 -1.78
CA GLY B 60 -26.39 0.62 -1.77
C GLY B 60 -26.32 1.71 -0.73
N ASP B 62 -24.51 4.18 -0.62
CA ASP B 62 -24.42 5.43 -1.35
C ASP B 62 -25.74 5.87 -1.96
N VAL B 63 -26.52 5.03 -2.67
CA VAL B 63 -27.72 5.50 -3.35
C VAL B 63 -29.09 5.28 -2.71
N LEU B 64 -29.18 4.24 -1.87
CA LEU B 64 -30.44 3.72 -1.35
C LEU B 64 -30.82 4.28 0.00
N PRO B 65 -32.10 4.36 0.43
CA PRO B 65 -32.48 4.95 1.71
C PRO B 65 -31.90 4.16 2.90
N SER B 66 -31.53 4.78 4.02
CA SER B 66 -30.83 4.07 5.07
C SER B 66 -31.46 2.79 5.58
N HIS B 67 -32.80 2.71 5.45
CA HIS B 67 -33.57 1.56 5.92
C HIS B 67 -33.24 0.26 5.16
N CYS B 68 -32.79 0.53 3.92
CA CYS B 68 -32.33 -0.49 2.98
C CYS B 68 -31.05 -1.23 3.35
N TRP B 69 -30.20 -0.65 4.23
CA TRP B 69 -28.84 -1.16 4.43
C TRP B 69 -28.34 -1.08 5.83
N ILE B 70 -28.81 -0.15 6.68
CA ILE B 70 -28.22 0.11 8.00
C ILE B 70 -28.08 -1.08 8.94
N SER B 71 -29.07 -1.97 8.89
CA SER B 71 -29.14 -3.20 9.68
C SER B 71 -27.98 -4.16 9.41
N GLU B 72 -27.72 -4.49 8.14
CA GLU B 72 -26.50 -5.21 7.80
C GLU B 72 -25.23 -4.38 7.94
N VAL B 74 -24.52 -2.13 10.35
CA VAL B 74 -24.08 -2.13 11.74
C VAL B 74 -23.54 -3.48 12.21
N VAL B 75 -24.09 -4.61 11.73
CA VAL B 75 -23.57 -5.94 12.04
C VAL B 75 -22.17 -6.13 11.52
N GLN B 76 -22.01 -5.71 10.26
CA GLN B 76 -20.72 -5.81 9.59
C GLN B 76 -19.70 -4.95 10.26
N LEU B 77 -20.06 -3.74 10.62
CA LEU B 77 -19.14 -2.86 11.32
C LEU B 77 -18.79 -3.38 12.68
N SER B 78 -19.75 -3.97 13.39
CA SER B 78 -19.50 -4.61 14.68
C SER B 78 -18.44 -5.69 14.55
N ASP B 79 -18.59 -6.56 13.56
CA ASP B 79 -17.64 -7.63 13.39
C ASP B 79 -16.25 -7.15 13.04
N SER B 80 -16.15 -6.17 12.13
CA SER B 80 -14.84 -5.60 11.75
C SER B 80 -14.19 -4.84 12.90
N LEU B 81 -14.97 -4.10 13.72
CA LEU B 81 -14.38 -3.33 14.80
C LEU B 81 -13.96 -4.25 15.90
N THR B 82 -14.75 -5.34 16.05
CA THR B 82 -14.48 -6.36 17.07
C THR B 82 -13.17 -7.06 16.73
N ASP B 83 -12.97 -7.40 15.45
CA ASP B 83 -11.70 -7.95 14.98
C ASP B 83 -10.55 -7.00 15.09
N LEU B 84 -10.79 -5.73 14.76
CA LEU B 84 -9.79 -4.71 14.92
C LEU B 84 -9.36 -4.58 16.38
N LEU B 85 -10.25 -4.61 17.38
CA LEU B 85 -9.81 -4.54 18.75
C LEU B 85 -8.84 -5.66 19.14
N ASP B 86 -8.90 -6.86 18.56
CA ASP B 86 -7.94 -7.88 18.95
C ASP B 86 -6.53 -7.61 18.47
N LYS B 87 -6.37 -6.60 17.61
CA LYS B 87 -5.09 -6.25 17.06
C LYS B 87 -4.31 -5.39 18.00
N PHE B 88 -4.96 -4.81 18.99
CA PHE B 88 -4.33 -3.89 19.94
C PHE B 88 -4.35 -4.47 21.34
N SER B 89 -3.45 -3.97 22.20
CA SER B 89 -3.34 -4.31 23.61
C SER B 89 -3.61 -3.03 24.41
N ASN B 90 -4.04 -3.05 25.69
CA ASN B 90 -4.32 -1.78 26.38
C ASN B 90 -3.14 -1.00 26.98
N ILE B 91 -3.29 0.33 26.92
CA ILE B 91 -2.33 1.33 27.42
C ILE B 91 -3.07 2.23 28.40
N SER B 92 -2.56 2.25 29.63
CA SER B 92 -3.08 3.07 30.74
C SER B 92 -2.51 4.52 30.78
N GLU B 93 -2.62 5.24 29.65
CA GLU B 93 -1.91 6.50 29.40
C GLU B 93 -2.84 7.70 29.18
N GLY B 94 -3.45 7.70 27.98
CA GLY B 94 -4.50 8.60 27.55
C GLY B 94 -5.38 7.71 26.68
N LEU B 95 -6.01 8.30 25.64
CA LEU B 95 -6.73 7.45 24.69
C LEU B 95 -5.72 6.54 23.96
N SER B 96 -6.01 5.26 23.93
CA SER B 96 -5.27 4.40 23.08
C SER B 96 -6.22 3.84 22.02
N ASN B 97 -5.70 3.29 20.91
CA ASN B 97 -6.53 2.69 19.86
C ASN B 97 -7.43 1.62 20.44
N TYR B 98 -6.89 0.87 21.42
CA TYR B 98 -7.65 -0.11 22.19
C TYR B 98 -8.84 0.54 22.84
N SER B 99 -8.66 1.50 23.73
CA SER B 99 -9.80 2.18 24.31
C SER B 99 -10.74 2.79 23.31
N ILE B 100 -10.24 3.32 22.21
CA ILE B 100 -11.14 4.00 21.30
C ILE B 100 -11.98 2.98 20.58
N ILE B 101 -11.36 1.94 20.03
CA ILE B 101 -12.04 0.92 19.24
C ILE B 101 -13.03 0.25 20.15
N ASP B 102 -12.65 -0.14 21.37
CA ASP B 102 -13.54 -0.72 22.34
C ASP B 102 -14.80 0.10 22.56
N LYS B 103 -14.71 1.39 22.84
CA LYS B 103 -15.85 2.31 22.85
C LYS B 103 -16.67 2.32 21.54
N LEU B 104 -16.04 2.15 20.39
CA LEU B 104 -16.77 2.15 19.13
C LEU B 104 -17.57 0.90 18.94
N VAL B 105 -16.95 -0.20 19.40
CA VAL B 105 -17.53 -1.54 19.47
C VAL B 105 -18.78 -1.49 20.29
N ASN B 106 -18.70 -0.87 21.47
CA ASN B 106 -19.86 -0.78 22.34
C ASN B 106 -20.97 0.07 21.72
N ILE B 107 -20.75 1.20 21.03
CA ILE B 107 -21.81 1.98 20.38
C ILE B 107 -22.45 1.13 19.31
N VAL B 108 -21.69 0.44 18.46
CA VAL B 108 -22.33 -0.16 17.31
C VAL B 108 -23.02 -1.48 17.70
N ASP B 109 -22.55 -2.11 18.78
CA ASP B 109 -23.22 -3.26 19.37
C ASP B 109 -24.50 -2.86 20.06
N ASP B 110 -24.66 -1.63 20.56
CA ASP B 110 -25.95 -1.12 21.03
C ASP B 110 -26.89 -0.87 19.87
N LEU B 111 -26.34 -0.44 18.74
CA LEU B 111 -27.12 -0.28 17.51
C LEU B 111 -27.56 -1.58 16.83
N VAL B 112 -26.76 -2.63 16.96
CA VAL B 112 -27.14 -3.95 16.52
C VAL B 112 -28.37 -4.35 17.31
N GLU B 113 -28.31 -4.30 18.65
CA GLU B 113 -29.38 -4.73 19.53
C GLU B 113 -30.66 -3.97 19.25
N CYS B 114 -30.58 -2.66 19.13
CA CYS B 114 -31.70 -1.81 18.77
C CYS B 114 -32.32 -2.11 17.41
N VAL B 115 -31.48 -2.47 16.44
CA VAL B 115 -31.99 -2.79 15.12
C VAL B 115 -32.60 -4.19 15.05
N LYS B 116 -32.32 -5.09 15.98
CA LYS B 116 -33.04 -6.36 16.03
C LYS B 116 -34.35 -6.32 16.81
N GLU B 117 -34.60 -5.24 17.60
CA GLU B 117 -35.88 -4.98 18.28
C GLU B 117 -36.91 -4.43 17.32
N ASN B 118 -36.58 -3.26 16.72
CA ASN B 118 -37.39 -2.54 15.73
C ASN B 118 -38.02 -3.46 14.70
N SER B 119 -39.26 -3.72 15.09
CA SER B 119 -40.07 -4.82 14.60
C SER B 119 -40.80 -4.62 13.25
N SER B 120 -40.70 -3.37 12.73
CA SER B 120 -41.13 -3.09 11.37
C SER B 120 -40.41 -4.06 10.44
N LYS B 121 -41.29 -4.97 10.00
CA LYS B 121 -40.95 -6.07 9.12
C LYS B 121 -40.01 -5.57 7.99
N ASP B 122 -40.49 -4.40 7.48
CA ASP B 122 -39.94 -3.62 6.36
C ASP B 122 -38.45 -3.16 6.29
N LEU B 123 -37.93 -2.44 7.35
CA LEU B 123 -36.50 -2.21 7.61
C LEU B 123 -35.83 -3.55 7.43
N LYS B 124 -35.15 -3.59 6.28
CA LYS B 124 -34.54 -4.77 5.70
C LYS B 124 -33.54 -5.36 6.68
N LYS B 125 -33.81 -6.61 7.02
CA LYS B 125 -32.94 -7.30 7.96
C LYS B 125 -32.38 -8.58 7.35
N SER B 126 -32.89 -9.00 6.19
CA SER B 126 -32.43 -10.18 5.47
C SER B 126 -31.47 -9.88 4.32
N PHE B 127 -30.17 -10.05 4.45
CA PHE B 127 -29.22 -9.67 3.41
C PHE B 127 -28.36 -10.87 3.06
N LYS B 128 -27.92 -11.01 1.80
CA LYS B 128 -26.88 -11.98 1.48
C LYS B 128 -25.58 -11.45 2.05
N SER B 129 -24.73 -12.33 2.61
CA SER B 129 -23.53 -11.90 3.33
C SER B 129 -22.61 -11.20 2.34
N PRO B 130 -22.37 -9.90 2.52
CA PRO B 130 -21.70 -9.09 1.52
C PRO B 130 -20.27 -9.55 1.33
N GLU B 131 -19.75 -9.13 0.19
CA GLU B 131 -18.38 -9.46 -0.18
C GLU B 131 -17.44 -8.60 0.65
N PRO B 132 -16.38 -9.19 1.22
CA PRO B 132 -15.35 -8.48 1.95
C PRO B 132 -14.61 -7.50 1.08
N ARG B 133 -14.48 -6.26 1.55
CA ARG B 133 -13.73 -5.20 0.88
C ARG B 133 -12.69 -4.65 1.82
N LEU B 134 -11.56 -4.30 1.25
CA LEU B 134 -10.49 -3.71 2.00
C LEU B 134 -10.61 -2.21 1.88
N PHE B 135 -10.43 -1.57 3.04
CA PHE B 135 -10.53 -0.13 3.19
C PHE B 135 -9.34 0.42 3.95
N THR B 136 -8.85 1.63 3.63
CA THR B 136 -7.87 2.30 4.49
C THR B 136 -8.51 2.73 5.80
N PRO B 137 -7.90 3.06 6.96
CA PRO B 137 -8.61 3.51 8.15
C PRO B 137 -9.48 4.72 7.89
N GLU B 138 -9.03 5.64 7.05
CA GLU B 138 -9.80 6.80 6.68
C GLU B 138 -11.10 6.45 5.98
N GLU B 139 -11.10 5.55 4.99
CA GLU B 139 -12.31 5.09 4.31
C GLU B 139 -13.32 4.31 5.14
N PHE B 140 -12.78 3.42 5.94
CA PHE B 140 -13.55 2.62 6.90
C PHE B 140 -14.32 3.47 7.87
N PHE B 141 -13.62 4.40 8.46
CA PHE B 141 -14.22 5.27 9.43
C PHE B 141 -15.10 6.35 8.89
N ARG B 142 -14.99 6.65 7.60
CA ARG B 142 -15.94 7.51 6.91
C ARG B 142 -17.24 6.74 6.73
N ILE B 143 -17.11 5.43 6.52
CA ILE B 143 -18.26 4.58 6.44
C ILE B 143 -18.92 4.41 7.80
N PHE B 144 -18.13 4.09 8.81
CA PHE B 144 -18.55 3.99 10.18
C PHE B 144 -19.28 5.24 10.59
N ASN B 145 -18.80 6.41 10.24
CA ASN B 145 -19.52 7.64 10.54
C ASN B 145 -20.81 7.85 9.76
N ARG B 146 -20.91 7.58 8.45
CA ARG B 146 -22.16 7.72 7.73
C ARG B 146 -23.25 6.82 8.33
N SER B 147 -22.86 5.62 8.77
CA SER B 147 -23.74 4.59 9.29
C SER B 147 -24.28 4.96 10.64
N ILE B 148 -23.41 5.44 11.54
CA ILE B 148 -23.83 5.94 12.84
C ILE B 148 -24.82 7.09 12.69
N ASP B 149 -24.58 7.97 11.71
CA ASP B 149 -25.43 9.11 11.40
C ASP B 149 -26.69 8.74 10.64
N ALA B 150 -26.69 7.57 9.99
CA ALA B 150 -27.84 7.09 9.22
C ALA B 150 -29.03 6.90 10.12
N PHE B 151 -28.76 6.66 11.42
CA PHE B 151 -29.82 6.62 12.44
C PHE B 151 -30.45 7.97 12.77
N LYS B 152 -29.66 9.05 12.97
CA LYS B 152 -30.10 10.41 13.31
C LYS B 152 -31.17 11.09 12.44
N ASP B 153 -31.05 10.82 11.13
CA ASP B 153 -31.96 11.28 10.10
C ASP B 153 -32.90 10.15 9.71
N PHE B 154 -33.61 9.57 10.68
CA PHE B 154 -34.59 8.51 10.41
C PHE B 154 -36.04 9.00 10.36
N ASP B 162 -39.10 1.12 -0.41
CA ASP B 162 -39.32 -0.14 -1.10
C ASP B 162 -38.10 -1.08 -1.26
N CYS B 163 -36.93 -0.47 -1.57
CA CYS B 163 -35.61 -1.08 -1.85
C CYS B 163 -35.40 -1.83 -3.18
N ASN C 36 19.33 -6.50 -22.67
CA ASN C 36 18.88 -5.65 -21.61
C ASN C 36 18.01 -4.54 -22.26
N VAL C 37 18.66 -3.53 -22.96
CA VAL C 37 18.17 -2.22 -23.50
C VAL C 37 17.02 -2.14 -24.52
N LYS C 38 16.92 -3.17 -25.37
CA LYS C 38 15.77 -3.41 -26.24
C LYS C 38 14.54 -3.69 -25.35
N ASP C 39 14.77 -4.48 -24.28
CA ASP C 39 13.75 -4.77 -23.31
C ASP C 39 13.61 -3.69 -22.29
N VAL C 40 14.59 -2.88 -21.91
CA VAL C 40 14.28 -1.62 -21.26
C VAL C 40 13.31 -0.74 -22.08
N THR C 41 13.46 -0.63 -23.38
CA THR C 41 12.53 0.11 -24.22
C THR C 41 11.16 -0.53 -24.27
N LYS C 42 10.96 -1.83 -24.34
CA LYS C 42 9.63 -2.37 -24.17
C LYS C 42 8.98 -2.10 -22.78
N LEU C 43 9.72 -2.21 -21.66
CA LEU C 43 9.27 -1.90 -20.34
C LEU C 43 8.85 -0.48 -20.27
N VAL C 44 9.64 0.49 -20.72
CA VAL C 44 9.20 1.89 -20.71
C VAL C 44 7.89 2.13 -21.50
N ALA C 45 7.70 1.48 -22.66
CA ALA C 45 6.52 1.66 -23.48
C ALA C 45 5.34 1.02 -22.84
N ASN C 46 5.58 -0.01 -22.04
CA ASN C 46 4.59 -0.76 -21.26
C ASN C 46 4.49 -0.37 -19.79
N LEU C 47 5.17 0.66 -19.34
CA LEU C 47 4.87 1.24 -18.06
C LEU C 47 4.07 2.48 -18.31
N PRO C 48 3.13 2.99 -17.52
CA PRO C 48 2.43 4.23 -17.81
C PRO C 48 3.35 5.45 -17.72
N LYS C 49 3.29 6.39 -18.68
CA LYS C 49 4.05 7.62 -18.63
C LYS C 49 3.96 8.40 -17.31
N ASP C 50 2.86 8.27 -16.58
CA ASP C 50 2.65 9.07 -15.40
C ASP C 50 2.71 8.24 -14.15
N TYR C 51 3.39 7.14 -14.26
CA TYR C 51 3.61 6.33 -13.11
C TYR C 51 4.91 6.79 -12.51
N ILE C 53 8.04 6.26 -10.10
CA ILE C 53 8.98 5.34 -9.42
C ILE C 53 9.91 6.03 -8.37
N THR C 54 10.03 5.46 -7.17
CA THR C 54 10.91 5.98 -6.13
C THR C 54 12.36 5.54 -6.28
N LEU C 55 13.27 6.50 -6.34
CA LEU C 55 14.68 6.20 -6.33
C LEU C 55 15.38 7.18 -5.38
N LYS C 56 16.15 6.64 -4.43
CA LYS C 56 17.05 7.43 -3.59
C LYS C 56 18.25 7.86 -4.44
N TYR C 57 18.16 9.04 -5.06
CA TYR C 57 19.08 9.52 -6.10
C TYR C 57 20.33 10.04 -5.43
N VAL C 58 21.54 9.84 -5.97
CA VAL C 58 22.75 10.33 -5.30
C VAL C 58 23.07 11.75 -5.81
N PRO C 59 23.04 12.80 -4.96
CA PRO C 59 23.13 14.19 -5.40
C PRO C 59 24.42 14.39 -6.22
N GLY C 60 24.10 14.87 -7.43
CA GLY C 60 25.11 15.16 -8.43
C GLY C 60 25.78 13.90 -8.92
N ASP C 62 24.92 12.97 -12.35
CA ASP C 62 24.93 13.35 -13.76
C ASP C 62 26.21 14.10 -14.17
N VAL C 63 26.81 14.75 -13.17
CA VAL C 63 28.03 15.51 -13.32
C VAL C 63 29.14 14.74 -12.62
N LEU C 64 29.08 14.42 -11.31
CA LEU C 64 30.16 13.70 -10.66
C LEU C 64 30.49 12.40 -11.42
N PRO C 65 31.77 12.01 -11.56
CA PRO C 65 32.19 10.83 -12.36
C PRO C 65 31.75 9.51 -11.77
N SER C 66 31.68 8.48 -12.61
CA SER C 66 31.17 7.18 -12.21
C SER C 66 31.59 6.67 -10.82
N HIS C 67 32.88 6.58 -10.49
CA HIS C 67 33.38 6.11 -9.19
C HIS C 67 32.87 6.83 -7.94
N CYS C 68 32.41 8.06 -8.16
CA CYS C 68 31.88 8.88 -7.08
C CYS C 68 30.53 8.35 -6.59
N TRP C 69 29.68 7.91 -7.53
CA TRP C 69 28.29 7.64 -7.22
C TRP C 69 27.87 6.22 -7.42
N ILE C 70 28.51 5.53 -8.35
CA ILE C 70 28.05 4.26 -8.85
C ILE C 70 27.78 3.20 -7.79
N SER C 71 28.63 3.21 -6.79
CA SER C 71 28.63 2.25 -5.70
C SER C 71 27.37 2.24 -4.81
N GLU C 72 26.87 3.41 -4.35
CA GLU C 72 25.56 3.52 -3.69
C GLU C 72 24.41 3.41 -4.71
N VAL C 74 24.00 1.55 -7.63
CA VAL C 74 23.60 0.18 -7.94
C VAL C 74 22.82 -0.51 -6.82
N VAL C 75 23.06 -0.16 -5.57
CA VAL C 75 22.21 -0.65 -4.51
C VAL C 75 20.89 0.09 -4.54
N GLN C 76 20.81 1.41 -4.75
CA GLN C 76 19.53 2.12 -4.83
C GLN C 76 18.69 1.83 -6.06
N LEU C 77 19.29 1.62 -7.22
CA LEU C 77 18.54 1.11 -8.33
C LEU C 77 18.07 -0.28 -8.01
N SER C 78 18.91 -1.09 -7.35
CA SER C 78 18.58 -2.44 -6.96
C SER C 78 17.44 -2.49 -5.95
N ASP C 79 17.27 -1.57 -5.01
CA ASP C 79 16.09 -1.63 -4.19
C ASP C 79 14.87 -1.24 -4.96
N SER C 80 14.95 -0.18 -5.75
CA SER C 80 13.83 0.32 -6.51
C SER C 80 13.27 -0.69 -7.45
N LEU C 81 14.15 -1.44 -8.10
CA LEU C 81 13.71 -2.44 -9.05
C LEU C 81 13.08 -3.66 -8.41
N THR C 82 13.61 -4.00 -7.22
CA THR C 82 13.08 -5.12 -6.46
C THR C 82 11.74 -4.74 -5.89
N ASP C 83 11.57 -3.51 -5.45
CA ASP C 83 10.27 -3.05 -5.06
C ASP C 83 9.27 -2.88 -6.21
N LEU C 84 9.71 -2.39 -7.38
CA LEU C 84 8.87 -2.27 -8.55
C LEU C 84 8.41 -3.62 -8.99
N LEU C 85 9.17 -4.68 -8.82
CA LEU C 85 8.82 -6.00 -9.31
C LEU C 85 7.59 -6.53 -8.64
N ASP C 86 7.39 -6.12 -7.39
CA ASP C 86 6.25 -6.55 -6.62
C ASP C 86 4.96 -5.84 -7.00
N LYS C 87 5.03 -4.74 -7.76
CA LYS C 87 3.86 -4.10 -8.29
C LYS C 87 3.37 -4.83 -9.50
N PHE C 88 4.01 -5.89 -9.95
CA PHE C 88 3.61 -6.52 -11.19
C PHE C 88 3.35 -7.97 -10.90
N SER C 89 2.66 -8.58 -11.83
CA SER C 89 2.43 -9.98 -11.75
C SER C 89 2.88 -10.71 -13.00
N ASN C 90 3.54 -11.85 -12.83
CA ASN C 90 4.01 -12.68 -13.93
C ASN C 90 2.90 -13.31 -14.73
N ILE C 91 3.25 -13.61 -15.97
CA ILE C 91 2.31 -14.03 -17.00
C ILE C 91 3.01 -15.14 -17.76
N SER C 92 2.17 -16.16 -18.02
CA SER C 92 2.58 -17.43 -18.65
C SER C 92 3.23 -17.26 -20.00
N GLU C 93 2.57 -16.44 -20.79
CA GLU C 93 2.99 -16.14 -22.13
C GLU C 93 2.88 -14.66 -22.56
N GLY C 94 3.96 -14.24 -23.21
CA GLY C 94 4.21 -12.85 -23.50
C GLY C 94 5.29 -12.43 -22.55
N LEU C 95 6.16 -11.54 -23.03
CA LEU C 95 7.16 -10.89 -22.19
C LEU C 95 6.51 -9.79 -21.34
N SER C 96 6.39 -10.07 -20.04
CA SER C 96 5.70 -9.21 -19.15
C SER C 96 6.70 -8.32 -18.47
N ASN C 97 6.19 -7.31 -17.81
CA ASN C 97 6.97 -6.39 -17.04
C ASN C 97 7.64 -7.08 -15.87
N TYR C 98 6.96 -8.06 -15.27
CA TYR C 98 7.51 -8.83 -14.19
C TYR C 98 8.79 -9.46 -14.70
N SER C 99 8.67 -10.16 -15.81
CA SER C 99 9.78 -10.85 -16.47
C SER C 99 10.96 -9.95 -16.82
N ILE C 100 10.73 -8.80 -17.46
CA ILE C 100 11.79 -7.85 -17.78
C ILE C 100 12.40 -7.34 -16.50
N ILE C 101 11.58 -7.00 -15.52
CA ILE C 101 12.15 -6.38 -14.35
C ILE C 101 12.93 -7.42 -13.56
N ASP C 102 12.51 -8.68 -13.54
CA ASP C 102 13.26 -9.78 -12.91
C ASP C 102 14.68 -9.93 -13.45
N LYS C 103 14.88 -9.89 -14.76
CA LYS C 103 16.23 -9.82 -15.33
C LYS C 103 17.03 -8.61 -14.88
N LEU C 104 16.42 -7.45 -14.86
CA LEU C 104 17.16 -6.25 -14.52
C LEU C 104 17.64 -6.34 -13.10
N VAL C 105 16.84 -6.84 -12.15
CA VAL C 105 17.20 -7.01 -10.75
C VAL C 105 18.36 -7.94 -10.68
N ASN C 106 18.38 -9.03 -11.44
CA ASN C 106 19.47 -9.97 -11.40
C ASN C 106 20.74 -9.37 -11.91
N ILE C 107 20.68 -8.63 -13.00
CA ILE C 107 21.82 -7.92 -13.54
C ILE C 107 22.38 -6.88 -12.56
N VAL C 108 21.53 -6.11 -11.86
CA VAL C 108 21.97 -5.05 -10.92
C VAL C 108 22.53 -5.69 -9.64
N ASP C 109 22.01 -6.84 -9.22
CA ASP C 109 22.51 -7.54 -8.06
C ASP C 109 23.92 -8.02 -8.25
N ASP C 110 24.23 -8.49 -9.46
CA ASP C 110 25.59 -8.73 -9.90
C ASP C 110 26.62 -7.60 -9.82
N LEU C 111 26.18 -6.38 -10.11
CA LEU C 111 27.04 -5.22 -10.00
C LEU C 111 27.16 -4.79 -8.56
N VAL C 112 26.15 -5.06 -7.72
CA VAL C 112 26.20 -4.83 -6.28
C VAL C 112 27.25 -5.77 -5.70
N GLU C 113 27.26 -7.05 -6.04
CA GLU C 113 28.27 -7.99 -5.59
C GLU C 113 29.63 -7.68 -6.24
N CYS C 114 29.68 -7.10 -7.45
CA CYS C 114 30.92 -6.76 -8.15
C CYS C 114 31.57 -5.52 -7.56
N VAL C 115 30.75 -4.65 -6.96
CA VAL C 115 31.19 -3.41 -6.29
C VAL C 115 31.95 -3.72 -4.98
N LYS C 116 31.56 -4.80 -4.25
CA LYS C 116 32.29 -5.27 -3.08
C LYS C 116 33.71 -5.81 -3.42
N SER C 129 22.85 6.99 3.10
CA SER C 129 21.44 6.78 2.77
C SER C 129 20.81 8.04 2.15
N PRO C 130 20.89 8.28 0.82
CA PRO C 130 20.38 9.50 0.16
C PRO C 130 18.86 9.78 0.08
N GLU C 131 18.40 10.96 -0.37
CA GLU C 131 16.99 11.34 -0.39
C GLU C 131 16.16 10.79 -1.53
N PRO C 132 14.92 10.30 -1.23
CA PRO C 132 13.99 9.71 -2.20
C PRO C 132 13.38 10.73 -3.09
N ARG C 133 13.53 10.38 -4.34
CA ARG C 133 12.94 11.15 -5.37
C ARG C 133 11.97 10.27 -6.12
N LEU C 134 11.12 10.92 -6.92
CA LEU C 134 10.16 10.25 -7.80
C LEU C 134 10.48 10.58 -9.25
N PHE C 135 10.49 9.53 -10.09
CA PHE C 135 10.90 9.71 -11.49
C PHE C 135 9.87 9.06 -12.36
N THR C 136 9.65 9.49 -13.57
CA THR C 136 8.77 8.79 -14.47
C THR C 136 9.46 7.51 -14.96
N PRO C 137 8.89 6.44 -15.57
CA PRO C 137 9.67 5.34 -16.12
C PRO C 137 10.85 5.79 -16.97
N GLU C 138 10.69 6.71 -17.93
CA GLU C 138 11.78 7.19 -18.76
C GLU C 138 12.93 7.80 -18.00
N GLU C 139 12.65 8.71 -17.05
CA GLU C 139 13.69 9.34 -16.25
C GLU C 139 14.36 8.35 -15.33
N PHE C 140 13.61 7.36 -14.82
CA PHE C 140 14.20 6.33 -14.01
C PHE C 140 15.12 5.52 -14.91
N PHE C 141 14.69 5.07 -16.08
CA PHE C 141 15.52 4.11 -16.80
C PHE C 141 16.71 4.80 -17.46
N ARG C 142 16.73 6.13 -17.53
CA ARG C 142 17.83 6.94 -18.01
C ARG C 142 18.96 6.90 -17.02
N ILE C 143 18.66 7.07 -15.74
CA ILE C 143 19.59 6.91 -14.63
C ILE C 143 20.15 5.49 -14.53
N PHE C 144 19.27 4.49 -14.70
CA PHE C 144 19.63 3.08 -14.77
C PHE C 144 20.64 2.81 -15.88
N ASN C 145 20.36 3.14 -17.15
CA ASN C 145 21.27 2.97 -18.27
C ASN C 145 22.60 3.67 -18.11
N ARG C 146 22.57 4.90 -17.59
CA ARG C 146 23.78 5.60 -17.19
C ARG C 146 24.59 4.86 -16.12
N SER C 147 23.96 4.18 -15.16
CA SER C 147 24.62 3.29 -14.20
C SER C 147 25.30 2.03 -14.73
N ILE C 148 24.66 1.26 -15.60
CA ILE C 148 25.29 0.05 -16.09
C ILE C 148 26.36 0.48 -17.08
N ASP C 149 26.24 1.64 -17.72
CA ASP C 149 27.24 2.09 -18.69
C ASP C 149 28.45 2.76 -18.07
N ALA C 150 28.32 3.12 -16.79
CA ALA C 150 29.44 3.58 -15.98
C ALA C 150 30.41 2.47 -15.59
N PHE C 151 30.18 1.32 -16.24
CA PHE C 151 31.02 0.12 -16.31
C PHE C 151 31.69 -0.07 -17.73
N ASN D 36 -11.73 -9.28 -24.98
CA ASN D 36 -11.75 -8.61 -23.70
C ASN D 36 -11.20 -9.50 -22.57
N VAL D 37 -11.99 -10.23 -21.74
CA VAL D 37 -11.59 -11.02 -20.55
C VAL D 37 -10.25 -11.73 -20.48
N LYS D 38 -10.02 -12.65 -21.39
CA LYS D 38 -8.71 -13.23 -21.58
C LYS D 38 -7.56 -12.18 -21.59
N ASP D 39 -7.65 -11.11 -22.39
CA ASP D 39 -6.67 -10.06 -22.38
C ASP D 39 -6.77 -9.09 -21.23
N VAL D 40 -7.95 -8.91 -20.65
CA VAL D 40 -8.14 -8.04 -19.52
C VAL D 40 -7.33 -8.48 -18.34
N THR D 41 -7.32 -9.78 -18.08
CA THR D 41 -6.59 -10.35 -16.94
C THR D 41 -5.05 -10.22 -17.06
N LYS D 42 -4.55 -10.18 -18.30
CA LYS D 42 -3.15 -10.08 -18.64
C LYS D 42 -2.71 -8.64 -18.55
N LEU D 43 -3.58 -7.71 -18.99
CA LEU D 43 -3.40 -6.31 -18.74
C LEU D 43 -3.40 -5.98 -17.28
N VAL D 44 -4.32 -6.41 -16.38
CA VAL D 44 -4.26 -6.18 -14.94
C VAL D 44 -2.92 -6.61 -14.38
N ALA D 45 -2.45 -7.79 -14.79
CA ALA D 45 -1.11 -8.30 -14.43
C ALA D 45 0.10 -7.47 -14.87
N ASN D 46 -0.09 -6.72 -15.97
CA ASN D 46 0.98 -5.93 -16.56
C ASN D 46 0.89 -4.46 -16.24
N LEU D 47 -0.10 -4.07 -15.45
CA LEU D 47 -0.20 -2.70 -14.97
C LEU D 47 0.26 -2.68 -13.53
N PRO D 48 0.93 -1.66 -12.98
CA PRO D 48 1.35 -1.65 -11.57
C PRO D 48 0.13 -1.77 -10.64
N LYS D 49 0.16 -2.55 -9.55
CA LYS D 49 -0.94 -2.69 -8.58
C LYS D 49 -1.31 -1.39 -7.89
N ASP D 50 -0.36 -0.44 -7.72
CA ASP D 50 -0.53 0.90 -7.17
C ASP D 50 -0.68 1.99 -8.21
N TYR D 51 -0.92 1.68 -9.47
CA TYR D 51 -1.34 2.69 -10.43
C TYR D 51 -2.83 2.97 -10.27
N ILE D 53 -6.16 4.58 -11.81
CA ILE D 53 -6.87 5.01 -12.98
C ILE D 53 -8.05 5.88 -12.54
N THR D 54 -8.30 7.06 -13.12
CA THR D 54 -9.49 7.89 -12.81
C THR D 54 -10.68 7.47 -13.64
N LEU D 55 -11.85 7.22 -13.04
CA LEU D 55 -13.08 6.91 -13.75
C LEU D 55 -14.12 7.76 -13.04
N LYS D 56 -14.95 8.45 -13.80
CA LYS D 56 -16.11 9.08 -13.22
C LYS D 56 -17.22 8.05 -13.10
N TYR D 57 -17.41 7.60 -11.85
CA TYR D 57 -18.17 6.40 -11.51
C TYR D 57 -19.59 6.83 -11.20
N VAL D 58 -20.50 6.02 -11.75
CA VAL D 58 -21.94 6.23 -11.58
C VAL D 58 -22.37 5.56 -10.29
N PRO D 59 -22.64 6.28 -9.21
CA PRO D 59 -23.10 5.71 -7.96
C PRO D 59 -24.38 4.91 -8.18
N GLY D 60 -24.45 3.79 -7.48
CA GLY D 60 -25.55 2.85 -7.66
C GLY D 60 -25.34 1.91 -8.80
N ASP D 62 -23.74 -0.81 -8.76
CA ASP D 62 -23.81 -2.09 -8.09
C ASP D 62 -25.21 -2.57 -7.75
N VAL D 63 -26.04 -1.76 -7.11
CA VAL D 63 -27.40 -2.18 -6.76
C VAL D 63 -28.50 -2.02 -7.82
N LEU D 64 -28.40 -0.96 -8.64
CA LEU D 64 -29.42 -0.57 -9.59
C LEU D 64 -29.39 -1.38 -10.90
N PRO D 65 -30.52 -1.45 -11.67
CA PRO D 65 -30.56 -2.08 -12.98
C PRO D 65 -29.87 -1.21 -14.03
N SER D 66 -29.26 -1.92 -14.95
CA SER D 66 -28.50 -1.39 -16.06
C SER D 66 -29.11 -0.15 -16.70
N HIS D 67 -30.40 -0.04 -17.01
CA HIS D 67 -30.95 1.16 -17.63
C HIS D 67 -30.76 2.49 -16.86
N CYS D 68 -30.42 2.45 -15.57
CA CYS D 68 -30.23 3.66 -14.78
C CYS D 68 -28.78 4.19 -14.86
N TRP D 69 -27.86 3.36 -15.36
CA TRP D 69 -26.45 3.69 -15.32
C TRP D 69 -25.68 3.32 -16.56
N ILE D 70 -26.06 2.33 -17.36
CA ILE D 70 -25.17 1.82 -18.37
C ILE D 70 -24.70 2.80 -19.46
N SER D 71 -25.48 3.78 -19.93
CA SER D 71 -25.07 4.60 -21.07
C SER D 71 -24.07 5.66 -20.66
N GLU D 72 -24.20 6.19 -19.45
CA GLU D 72 -23.21 7.06 -18.88
C GLU D 72 -21.98 6.29 -18.47
N VAL D 74 -20.62 3.55 -19.96
CA VAL D 74 -19.73 3.31 -21.13
C VAL D 74 -19.06 4.56 -21.67
N VAL D 75 -19.76 5.69 -21.56
CA VAL D 75 -19.18 6.97 -21.90
C VAL D 75 -18.00 7.32 -20.97
N GLN D 76 -18.14 7.13 -19.65
CA GLN D 76 -17.07 7.31 -18.70
C GLN D 76 -15.91 6.35 -18.80
N LEU D 77 -16.23 5.13 -19.19
CA LEU D 77 -15.26 4.11 -19.48
C LEU D 77 -14.49 4.39 -20.74
N SER D 78 -15.09 4.80 -21.86
CA SER D 78 -14.35 5.19 -23.06
C SER D 78 -13.34 6.29 -22.74
N ASP D 79 -13.72 7.28 -21.93
CA ASP D 79 -12.89 8.40 -21.56
C ASP D 79 -11.63 7.97 -20.85
N SER D 80 -11.83 7.15 -19.83
CA SER D 80 -10.77 6.67 -18.99
C SER D 80 -9.82 5.77 -19.73
N LEU D 81 -10.39 4.91 -20.54
CA LEU D 81 -9.57 4.02 -21.32
C LEU D 81 -8.82 4.78 -22.38
N THR D 82 -9.37 5.86 -22.97
CA THR D 82 -8.69 6.67 -23.98
C THR D 82 -7.60 7.47 -23.34
N ASP D 83 -7.77 7.95 -22.12
CA ASP D 83 -6.67 8.50 -21.38
C ASP D 83 -5.67 7.46 -20.98
N LEU D 84 -6.09 6.25 -20.62
CA LEU D 84 -5.16 5.22 -20.23
C LEU D 84 -4.30 4.90 -21.41
N LEU D 85 -4.83 4.76 -22.61
CA LEU D 85 -4.09 4.50 -23.83
C LEU D 85 -2.92 5.45 -24.14
N ASP D 86 -3.05 6.72 -23.77
CA ASP D 86 -2.07 7.78 -24.04
C ASP D 86 -0.89 7.63 -23.10
N LYS D 87 -0.98 6.79 -22.09
CA LYS D 87 0.13 6.60 -21.18
C LYS D 87 1.05 5.51 -21.65
N PHE D 88 0.73 4.79 -22.72
CA PHE D 88 1.51 3.70 -23.26
C PHE D 88 1.95 4.02 -24.68
N SER D 89 2.95 3.25 -25.12
CA SER D 89 3.34 3.35 -26.49
C SER D 89 3.54 1.97 -27.12
N ASN D 90 3.52 1.90 -28.45
CA ASN D 90 3.76 0.70 -29.20
C ASN D 90 5.14 0.16 -28.99
N ILE D 91 5.28 -1.16 -29.15
CA ILE D 91 6.55 -1.85 -29.05
C ILE D 91 6.77 -2.59 -30.34
N SER D 92 7.98 -3.03 -30.67
CA SER D 92 8.23 -3.71 -31.94
C SER D 92 7.53 -5.06 -32.09
N GLU D 93 7.31 -5.76 -31.00
CA GLU D 93 6.66 -7.06 -31.06
C GLU D 93 6.45 -7.52 -29.64
N GLY D 94 5.35 -8.22 -29.42
CA GLY D 94 5.18 -9.01 -28.21
C GLY D 94 4.04 -8.47 -27.39
N LEU D 95 3.99 -8.77 -26.09
CA LEU D 95 2.87 -8.35 -25.27
C LEU D 95 2.89 -6.84 -25.11
N SER D 96 1.78 -6.16 -25.47
CA SER D 96 1.73 -4.69 -25.48
C SER D 96 0.49 -4.17 -24.80
N ASN D 97 0.63 -3.35 -23.74
CA ASN D 97 -0.48 -2.76 -23.03
C ASN D 97 -1.20 -1.84 -23.98
N TYR D 98 -0.43 -1.11 -24.81
CA TYR D 98 -1.03 -0.27 -25.85
C TYR D 98 -2.05 -1.03 -26.71
N SER D 99 -1.70 -2.14 -27.38
CA SER D 99 -2.60 -2.91 -28.23
C SER D 99 -3.79 -3.47 -27.54
N ILE D 100 -3.60 -3.89 -26.29
CA ILE D 100 -4.67 -4.45 -25.49
C ILE D 100 -5.69 -3.38 -25.15
N ILE D 101 -5.27 -2.18 -24.70
CA ILE D 101 -6.20 -1.13 -24.31
C ILE D 101 -6.85 -0.59 -25.53
N ASP D 102 -6.09 -0.45 -26.60
CA ASP D 102 -6.62 0.04 -27.85
C ASP D 102 -7.77 -0.79 -28.42
N LYS D 103 -7.67 -2.13 -28.34
CA LYS D 103 -8.80 -2.99 -28.68
C LYS D 103 -9.94 -2.83 -27.71
N LEU D 104 -9.72 -2.55 -26.43
CA LEU D 104 -10.81 -2.30 -25.52
C LEU D 104 -11.44 -0.97 -25.79
N VAL D 105 -10.70 0.06 -26.19
CA VAL D 105 -11.26 1.37 -26.49
C VAL D 105 -12.15 1.17 -27.68
N ASN D 106 -11.76 0.45 -28.74
CA ASN D 106 -12.64 0.29 -29.89
C ASN D 106 -13.92 -0.45 -29.56
N ILE D 107 -13.98 -1.41 -28.60
CA ILE D 107 -15.25 -1.99 -28.09
C ILE D 107 -16.18 -1.02 -27.32
N VAL D 108 -15.66 -0.15 -26.43
CA VAL D 108 -16.48 0.80 -25.70
C VAL D 108 -16.93 1.92 -26.65
N ASP D 109 -16.19 2.18 -27.74
CA ASP D 109 -16.55 3.14 -28.80
C ASP D 109 -17.77 2.60 -29.56
N ASP D 110 -17.76 1.34 -29.96
CA ASP D 110 -18.95 0.71 -30.52
C ASP D 110 -20.21 0.85 -29.65
N LEU D 111 -20.12 0.40 -28.40
CA LEU D 111 -21.21 0.49 -27.43
C LEU D 111 -21.62 1.91 -27.12
N VAL D 112 -20.71 2.87 -27.17
CA VAL D 112 -21.09 4.27 -27.02
C VAL D 112 -21.93 4.76 -28.21
N GLU D 113 -21.64 4.32 -29.44
CA GLU D 113 -22.40 4.72 -30.62
C GLU D 113 -23.71 4.00 -30.73
N CYS D 114 -23.79 2.83 -30.08
CA CYS D 114 -25.06 2.11 -29.97
C CYS D 114 -26.04 2.90 -29.11
N VAL D 115 -25.56 3.60 -28.07
CA VAL D 115 -26.38 4.44 -27.20
C VAL D 115 -26.76 5.80 -27.84
N SER D 129 -24.22 14.47 -13.53
CA SER D 129 -22.95 13.86 -13.89
C SER D 129 -22.32 13.10 -12.70
N PRO D 130 -21.26 12.29 -12.94
CA PRO D 130 -20.55 11.59 -11.89
C PRO D 130 -19.17 12.12 -11.61
N GLU D 131 -18.83 11.96 -10.35
CA GLU D 131 -17.64 12.57 -9.84
C GLU D 131 -16.45 11.65 -9.99
N PRO D 132 -15.26 12.23 -10.20
CA PRO D 132 -13.97 11.52 -10.29
C PRO D 132 -13.60 10.65 -9.09
N ARG D 133 -13.20 9.41 -9.42
CA ARG D 133 -12.77 8.45 -8.44
C ARG D 133 -11.51 7.67 -8.86
N LEU D 134 -10.64 7.21 -7.95
CA LEU D 134 -9.45 6.44 -8.25
C LEU D 134 -9.58 4.98 -7.95
N PHE D 135 -9.23 4.20 -8.97
CA PHE D 135 -9.28 2.74 -8.91
C PHE D 135 -7.95 2.10 -9.24
N THR D 136 -7.56 1.00 -8.63
CA THR D 136 -6.43 0.23 -9.08
C THR D 136 -6.84 -0.47 -10.37
N PRO D 137 -5.95 -1.02 -11.20
CA PRO D 137 -6.31 -1.76 -12.41
C PRO D 137 -7.33 -2.87 -12.18
N GLU D 138 -7.12 -3.79 -11.22
CA GLU D 138 -8.12 -4.83 -10.97
C GLU D 138 -9.51 -4.34 -10.65
N GLU D 139 -9.62 -3.25 -9.92
CA GLU D 139 -10.88 -2.61 -9.66
C GLU D 139 -11.47 -1.93 -10.86
N PHE D 140 -10.69 -1.13 -11.59
CA PHE D 140 -11.21 -0.50 -12.78
C PHE D 140 -11.70 -1.55 -13.77
N PHE D 141 -10.91 -2.59 -14.03
CA PHE D 141 -11.31 -3.60 -15.00
C PHE D 141 -12.34 -4.59 -14.49
N ARG D 142 -12.60 -4.77 -13.20
CA ARG D 142 -13.78 -5.49 -12.80
C ARG D 142 -15.03 -4.67 -13.13
N ILE D 143 -14.99 -3.33 -12.99
CA ILE D 143 -16.10 -2.44 -13.37
C ILE D 143 -16.26 -2.43 -14.89
N PHE D 144 -15.18 -2.29 -15.66
CA PHE D 144 -15.22 -2.50 -17.07
C PHE D 144 -15.94 -3.78 -17.49
N ASN D 145 -15.52 -4.92 -16.95
CA ASN D 145 -16.07 -6.20 -17.28
C ASN D 145 -17.54 -6.21 -16.87
N ARG D 146 -17.92 -5.68 -15.72
CA ARG D 146 -19.29 -5.63 -15.31
C ARG D 146 -20.14 -4.79 -16.25
N SER D 147 -19.65 -3.64 -16.74
CA SER D 147 -20.40 -2.73 -17.59
C SER D 147 -20.59 -3.32 -18.96
N ILE D 148 -19.54 -3.93 -19.53
CA ILE D 148 -19.66 -4.62 -20.83
C ILE D 148 -20.68 -5.77 -20.83
N ASP D 149 -20.79 -6.50 -19.73
CA ASP D 149 -21.74 -7.60 -19.61
C ASP D 149 -23.16 -7.12 -19.54
N ALA D 150 -23.41 -6.05 -18.79
CA ALA D 150 -24.76 -5.51 -18.61
C ALA D 150 -25.40 -4.92 -19.85
N PHE D 151 -24.60 -4.73 -20.89
CA PHE D 151 -25.10 -4.37 -22.20
C PHE D 151 -25.89 -5.48 -22.91
N LYS D 152 -25.55 -6.76 -22.66
CA LYS D 152 -26.35 -7.92 -23.03
C LYS D 152 -27.40 -8.22 -21.93
#